data_5IEZ
#
_entry.id   5IEZ
#
_cell.length_a   39.914
_cell.length_b   136.046
_cell.length_c   63.499
_cell.angle_alpha   90.00
_cell.angle_beta   101.62
_cell.angle_gamma   90.00
#
_symmetry.space_group_name_H-M   'P 1 21 1'
#
loop_
_entity.id
_entity.type
_entity.pdbx_description
1 polymer 'Induced myeloid leukemia cell differentiation protein Mcl-1'
2 non-polymer '3-({6-chloro-3-[3-(4-chloro-3,5-dimethylphenoxy)propyl]-7-(1,3,5-trimethyl-1H-pyrazol-4-yl)-1H-indole-2-carbonyl}amino)benzoic acid'
3 water water
#
_entity_poly.entity_id   1
_entity_poly.type   'polypeptide(L)'
_entity_poly.pdbx_seq_one_letter_code
;GADDELYRQSLEIISRYLREQATGAKDTKPMGRSGATSRKALETLRRVGDGVQRNHETAFQGMLRKLDIKNEDDVKSLSR
VMIHVFSDGVTNWGRIVTLISFGAFVAKHLKTINQESCIEPLAESITDVLVRTKRDWLVKQRGWDGFVEFFHVEDLEGG
;
_entity_poly.pdbx_strand_id   A,B,C,D
#
# COMPACT_ATOMS: atom_id res chain seq x y z
N ASP A 3 3.73 11.99 12.05
CA ASP A 3 5.05 12.40 12.52
C ASP A 3 5.47 11.55 13.73
N ASP A 4 4.51 10.81 14.29
CA ASP A 4 4.69 10.10 15.56
C ASP A 4 4.64 8.60 15.27
N GLU A 5 5.82 7.97 15.29
CA GLU A 5 5.94 6.58 14.82
C GLU A 5 5.46 5.56 15.83
N LEU A 6 5.79 5.74 17.12
CA LEU A 6 5.37 4.77 18.13
C LEU A 6 3.88 4.77 18.32
N TYR A 7 3.26 5.95 18.32
CA TYR A 7 1.81 5.99 18.38
C TYR A 7 1.22 5.22 17.20
N ARG A 8 1.66 5.51 15.96
CA ARG A 8 1.04 4.90 14.79
C ARG A 8 1.17 3.37 14.80
N GLN A 9 2.39 2.86 15.03
CA GLN A 9 2.57 1.42 15.30
C GLN A 9 1.59 0.90 16.33
N SER A 10 1.51 1.57 17.48
CA SER A 10 0.70 1.10 18.59
C SER A 10 -0.77 1.05 18.20
N LEU A 11 -1.22 2.07 17.46
CA LEU A 11 -2.60 2.06 17.01
C LEU A 11 -2.84 0.96 16.01
N GLU A 12 -1.84 0.63 15.18
CA GLU A 12 -2.06 -0.43 14.23
C GLU A 12 -2.20 -1.78 14.95
N ILE A 13 -1.35 -2.01 15.95
CA ILE A 13 -1.44 -3.24 16.77
C ILE A 13 -2.78 -3.31 17.52
N ILE A 14 -3.07 -2.27 18.31
CA ILE A 14 -4.25 -2.26 19.18
C ILE A 14 -5.54 -2.30 18.36
N SER A 15 -5.61 -1.47 17.32
CA SER A 15 -6.75 -1.46 16.41
C SER A 15 -7.01 -2.84 15.83
N ARG A 16 -5.94 -3.55 15.45
CA ARG A 16 -6.20 -4.85 14.84
C ARG A 16 -6.60 -5.88 15.87
N TYR A 17 -5.95 -5.89 17.03
CA TYR A 17 -6.36 -6.82 18.07
C TYR A 17 -7.84 -6.64 18.39
N LEU A 18 -8.28 -5.40 18.61
CA LEU A 18 -9.68 -5.20 18.98
C LEU A 18 -10.62 -5.58 17.85
N ARG A 19 -10.40 -5.05 16.64
CA ARG A 19 -11.32 -5.33 15.52
C ARG A 19 -11.39 -6.82 15.20
N GLU A 20 -10.24 -7.49 15.24
CA GLU A 20 -10.23 -8.92 15.02
C GLU A 20 -10.88 -9.67 16.18
N GLN A 21 -10.83 -9.12 17.40
CA GLN A 21 -11.51 -9.81 18.50
C GLN A 21 -13.02 -9.67 18.40
N ALA A 22 -13.48 -8.46 18.08
CA ALA A 22 -14.92 -8.22 18.01
C ALA A 22 -15.57 -8.97 16.85
N THR A 23 -14.80 -9.27 15.81
CA THR A 23 -15.33 -9.94 14.64
C THR A 23 -14.55 -11.24 14.44
N GLY A 24 -14.81 -11.93 13.34
CA GLY A 24 -14.17 -13.21 13.15
C GLY A 24 -12.74 -13.24 12.62
N ALA A 25 -12.35 -12.29 11.79
CA ALA A 25 -11.17 -12.52 10.98
C ALA A 25 -10.12 -11.45 11.17
N LYS A 26 -8.94 -11.74 10.64
CA LYS A 26 -7.83 -10.84 10.75
C LYS A 26 -7.90 -9.81 9.62
N ASP A 27 -7.36 -8.64 9.89
CA ASP A 27 -7.08 -7.66 8.84
C ASP A 27 -5.97 -8.19 7.95
N THR A 28 -6.25 -8.35 6.65
CA THR A 28 -5.24 -8.81 5.70
C THR A 28 -4.53 -7.67 4.97
N LYS A 29 -4.60 -6.45 5.48
CA LYS A 29 -3.78 -5.40 4.93
C LYS A 29 -2.32 -5.64 5.32
N PRO A 30 -1.38 -5.38 4.42
CA PRO A 30 0.04 -5.43 4.80
C PRO A 30 0.36 -4.36 5.81
N MET A 31 1.28 -4.68 6.72
CA MET A 31 1.54 -3.83 7.87
C MET A 31 2.63 -2.83 7.58
N GLY A 32 2.49 -1.66 8.21
CA GLY A 32 3.39 -0.54 8.03
C GLY A 32 4.77 -0.78 8.58
N ARG A 33 5.52 0.29 8.80
CA ARG A 33 6.89 0.14 9.30
C ARG A 33 6.92 -0.71 10.57
N SER A 34 7.99 -1.50 10.71
CA SER A 34 8.22 -2.36 11.87
C SER A 34 7.13 -3.44 12.01
N GLY A 35 6.71 -4.00 10.88
CA GLY A 35 5.57 -4.90 10.87
C GLY A 35 5.84 -6.34 11.26
N ALA A 36 7.11 -6.76 11.29
CA ALA A 36 7.42 -8.10 11.82
C ALA A 36 7.29 -8.10 13.33
N THR A 37 7.66 -6.99 13.95
CA THR A 37 7.36 -6.81 15.37
C THR A 37 5.86 -6.69 15.57
N SER A 38 5.17 -5.92 14.72
CA SER A 38 3.74 -5.78 14.93
C SER A 38 2.98 -7.09 14.72
N ARG A 39 3.37 -7.89 13.73
CA ARG A 39 2.75 -9.20 13.62
C ARG A 39 3.05 -10.04 14.86
N LYS A 40 4.28 -9.97 15.39
CA LYS A 40 4.61 -10.76 16.58
C LYS A 40 3.84 -10.27 17.82
N ALA A 41 3.89 -8.96 18.10
CA ALA A 41 3.14 -8.37 19.19
C ALA A 41 1.66 -8.69 19.08
N LEU A 42 1.16 -8.82 17.84
CA LEU A 42 -0.24 -9.15 17.67
C LEU A 42 -0.49 -10.61 18.04
N GLU A 43 0.41 -11.50 17.66
CA GLU A 43 0.33 -12.89 18.11
C GLU A 43 0.37 -12.98 19.63
N THR A 44 1.23 -12.19 20.26
CA THR A 44 1.34 -12.16 21.72
C THR A 44 0.04 -11.67 22.35
N LEU A 45 -0.53 -10.61 21.79
CA LEU A 45 -1.81 -10.17 22.31
C LEU A 45 -2.89 -11.23 22.09
N ARG A 46 -2.78 -12.08 21.07
CA ARG A 46 -3.80 -13.11 21.01
C ARG A 46 -3.60 -14.21 22.02
N ARG A 47 -2.34 -14.56 22.32
CA ARG A 47 -2.17 -15.69 23.23
C ARG A 47 -2.33 -15.25 24.69
N VAL A 48 -1.84 -14.07 25.06
CA VAL A 48 -1.97 -13.59 26.44
C VAL A 48 -3.26 -12.79 26.64
N GLY A 49 -3.70 -12.06 25.62
CA GLY A 49 -4.91 -11.26 25.77
C GLY A 49 -6.11 -12.13 26.08
N ASP A 50 -6.22 -13.26 25.39
CA ASP A 50 -7.36 -14.14 25.62
C ASP A 50 -7.28 -14.77 27.00
N GLY A 51 -6.09 -15.12 27.46
CA GLY A 51 -5.94 -15.60 28.83
C GLY A 51 -6.43 -14.58 29.85
N VAL A 52 -6.01 -13.33 29.71
CA VAL A 52 -6.41 -12.26 30.61
C VAL A 52 -7.93 -12.04 30.57
N GLN A 53 -8.52 -12.08 29.38
CA GLN A 53 -9.96 -11.89 29.25
C GLN A 53 -10.76 -13.02 29.90
N ARG A 54 -10.34 -14.28 29.73
CA ARG A 54 -11.07 -15.36 30.39
C ARG A 54 -10.82 -15.39 31.88
N ASN A 55 -9.69 -14.87 32.35
CA ASN A 55 -9.35 -14.95 33.76
C ASN A 55 -9.97 -13.81 34.57
N HIS A 56 -10.37 -12.73 33.89
CA HIS A 56 -11.06 -11.61 34.51
C HIS A 56 -12.48 -11.36 34.01
N GLU A 57 -13.20 -12.37 33.50
CA GLU A 57 -14.47 -12.07 32.85
C GLU A 57 -15.45 -11.33 33.77
N THR A 58 -15.61 -11.79 35.02
CA THR A 58 -16.66 -11.21 35.87
C THR A 58 -16.41 -9.73 36.12
N ALA A 59 -15.15 -9.34 36.39
CA ALA A 59 -14.85 -7.92 36.54
C ALA A 59 -15.06 -7.16 35.24
N PHE A 60 -14.74 -7.77 34.10
CA PHE A 60 -14.93 -7.10 32.81
C PHE A 60 -16.41 -6.94 32.50
N GLN A 61 -17.19 -7.96 32.82
CA GLN A 61 -18.63 -7.91 32.65
C GLN A 61 -19.24 -6.84 33.55
N GLY A 62 -18.78 -6.77 34.81
CA GLY A 62 -19.25 -5.72 35.68
C GLY A 62 -18.93 -4.33 35.15
N MET A 63 -17.67 -4.11 34.78
CA MET A 63 -17.29 -2.77 34.37
C MET A 63 -17.94 -2.41 33.03
N LEU A 64 -17.97 -3.37 32.10
CA LEU A 64 -18.64 -3.12 30.82
C LEU A 64 -20.13 -2.84 31.03
N ARG A 65 -20.74 -3.47 32.03
CA ARG A 65 -22.18 -3.29 32.17
C ARG A 65 -22.50 -1.95 32.82
N LYS A 66 -21.69 -1.52 33.79
CA LYS A 66 -21.88 -0.17 34.33
C LYS A 66 -21.33 0.93 33.41
N LEU A 67 -20.67 0.60 32.31
CA LEU A 67 -20.34 1.70 31.40
C LEU A 67 -21.52 2.09 30.53
N ASP A 68 -22.44 1.18 30.21
CA ASP A 68 -23.68 1.55 29.52
C ASP A 68 -23.41 2.34 28.24
N ILE A 69 -22.71 1.67 27.32
CA ILE A 69 -22.23 2.31 26.11
C ILE A 69 -23.28 2.19 25.02
N LYS A 70 -23.75 3.33 24.53
CA LYS A 70 -24.75 3.36 23.46
C LYS A 70 -24.11 3.69 22.12
N ASN A 71 -23.44 4.84 22.05
CA ASN A 71 -23.09 5.50 20.80
C ASN A 71 -21.60 5.83 20.82
N GLU A 72 -21.13 6.44 19.74
CA GLU A 72 -19.74 6.81 19.61
C GLU A 72 -19.38 8.01 20.49
N ASP A 73 -20.36 8.86 20.83
CA ASP A 73 -20.07 9.94 21.76
C ASP A 73 -19.87 9.42 23.19
N ASP A 74 -20.36 8.21 23.48
CA ASP A 74 -20.05 7.58 24.76
C ASP A 74 -18.59 7.17 24.87
N VAL A 75 -17.94 6.87 23.74
CA VAL A 75 -16.55 6.38 23.75
C VAL A 75 -15.65 7.28 24.57
N LYS A 76 -15.78 8.58 24.42
CA LYS A 76 -14.83 9.50 25.03
C LYS A 76 -15.44 10.27 26.19
N SER A 77 -16.41 9.67 26.88
CA SER A 77 -16.47 9.82 28.32
C SER A 77 -15.97 8.56 29.00
N LEU A 78 -15.90 7.46 28.23
CA LEU A 78 -15.34 6.23 28.75
C LEU A 78 -13.89 6.42 29.12
N SER A 79 -13.20 7.26 28.33
CA SER A 79 -11.77 7.46 28.46
C SER A 79 -11.45 7.92 29.87
N ARG A 80 -12.40 8.60 30.51
CA ARG A 80 -12.19 9.11 31.86
C ARG A 80 -12.09 7.97 32.86
N VAL A 81 -12.98 6.98 32.77
CA VAL A 81 -12.86 5.89 33.74
C VAL A 81 -11.60 5.07 33.49
N MET A 82 -11.22 4.85 32.21
CA MET A 82 -10.00 4.08 31.95
C MET A 82 -8.74 4.84 32.36
N ILE A 83 -8.65 6.14 32.08
CA ILE A 83 -7.52 6.91 32.61
C ILE A 83 -7.49 6.80 34.11
N HIS A 84 -8.65 6.94 34.76
CA HIS A 84 -8.69 6.89 36.22
C HIS A 84 -8.16 5.55 36.74
N VAL A 85 -8.48 4.45 36.04
CA VAL A 85 -8.07 3.11 36.47
C VAL A 85 -6.65 2.73 36.07
N PHE A 86 -6.10 3.34 35.03
CA PHE A 86 -4.85 2.82 34.47
C PHE A 86 -3.62 3.64 34.82
N SER A 87 -3.72 4.95 34.97
CA SER A 87 -2.52 5.78 34.92
C SER A 87 -1.77 5.95 36.24
N ASP A 88 -2.44 5.87 37.40
CA ASP A 88 -1.80 6.38 38.61
C ASP A 88 -0.92 5.37 39.35
N GLY A 89 -1.12 4.07 39.16
CA GLY A 89 -0.28 3.10 39.83
C GLY A 89 1.06 2.72 39.20
N VAL A 90 1.37 1.44 39.28
CA VAL A 90 2.62 0.89 38.79
C VAL A 90 2.53 0.69 37.28
N THR A 91 3.62 0.97 36.58
CA THR A 91 3.72 0.74 35.14
C THR A 91 4.51 -0.54 34.91
N ASN A 92 3.92 -1.49 34.19
CA ASN A 92 4.60 -2.72 33.80
C ASN A 92 3.85 -3.32 32.62
N TRP A 93 4.40 -4.40 32.05
CA TRP A 93 3.80 -4.95 30.83
C TRP A 93 2.48 -5.67 31.10
N GLY A 94 2.35 -6.34 32.26
CA GLY A 94 1.07 -6.94 32.60
C GLY A 94 -0.10 -5.96 32.61
N ARG A 95 0.12 -4.76 33.16
CA ARG A 95 -0.98 -3.82 33.31
C ARG A 95 -1.39 -3.23 31.95
N ILE A 96 -0.41 -2.99 31.07
CA ILE A 96 -0.67 -2.57 29.70
C ILE A 96 -1.42 -3.65 28.92
N VAL A 97 -1.04 -4.91 29.11
CA VAL A 97 -1.78 -5.98 28.42
C VAL A 97 -3.20 -6.09 28.95
N THR A 98 -3.42 -5.82 30.25
CA THR A 98 -4.78 -5.81 30.77
C THR A 98 -5.57 -4.66 30.16
N LEU A 99 -4.94 -3.50 29.99
CA LEU A 99 -5.56 -2.39 29.30
C LEU A 99 -6.06 -2.82 27.92
N ILE A 100 -5.16 -3.37 27.11
CA ILE A 100 -5.54 -3.73 25.75
C ILE A 100 -6.56 -4.88 25.71
N SER A 101 -6.53 -5.78 26.71
CA SER A 101 -7.47 -6.91 26.72
C SER A 101 -8.88 -6.47 27.10
N PHE A 102 -9.00 -5.51 28.02
CA PHE A 102 -10.34 -4.99 28.25
C PHE A 102 -10.83 -4.19 27.04
N GLY A 103 -9.92 -3.49 26.35
CA GLY A 103 -10.29 -2.92 25.06
C GLY A 103 -10.91 -3.93 24.12
N ALA A 104 -10.32 -5.13 24.05
CA ALA A 104 -10.92 -6.16 23.21
C ALA A 104 -12.29 -6.59 23.73
N PHE A 105 -12.43 -6.71 25.07
CA PHE A 105 -13.73 -7.04 25.67
C PHE A 105 -14.83 -6.04 25.25
N VAL A 106 -14.59 -4.74 25.49
CA VAL A 106 -15.56 -3.71 25.11
C VAL A 106 -15.80 -3.70 23.60
N ALA A 107 -14.78 -4.02 22.80
CA ALA A 107 -14.96 -4.02 21.35
C ALA A 107 -15.92 -5.12 20.93
N LYS A 108 -15.75 -6.33 21.50
CA LYS A 108 -16.68 -7.42 21.25
C LYS A 108 -18.11 -7.00 21.60
N HIS A 109 -18.28 -6.40 22.78
CA HIS A 109 -19.61 -5.94 23.17
C HIS A 109 -20.17 -4.98 22.13
N LEU A 110 -19.33 -4.06 21.64
CA LEU A 110 -19.82 -3.07 20.69
C LEU A 110 -20.16 -3.68 19.35
N LYS A 111 -19.52 -4.80 19.00
CA LYS A 111 -19.97 -5.48 17.79
C LYS A 111 -21.29 -6.20 18.03
N THR A 112 -21.59 -6.56 19.28
CA THR A 112 -22.90 -7.16 19.54
C THR A 112 -24.04 -6.14 19.43
N ILE A 113 -23.83 -4.90 19.88
CA ILE A 113 -24.91 -3.92 19.92
C ILE A 113 -24.88 -3.09 18.64
N ASN A 114 -24.33 -3.68 17.58
CA ASN A 114 -24.27 -3.12 16.23
C ASN A 114 -23.67 -1.71 16.22
N GLN A 115 -22.53 -1.55 16.88
CA GLN A 115 -21.79 -0.29 16.83
C GLN A 115 -20.30 -0.55 16.61
N GLU A 116 -20.01 -1.35 15.59
CA GLU A 116 -18.63 -1.65 15.22
C GLU A 116 -17.88 -0.40 14.76
N SER A 117 -18.59 0.60 14.27
CA SER A 117 -17.98 1.87 13.92
C SER A 117 -17.34 2.57 15.11
N CYS A 118 -17.63 2.12 16.33
CA CYS A 118 -17.03 2.71 17.51
C CYS A 118 -15.79 1.96 17.97
N ILE A 119 -15.46 0.84 17.31
CA ILE A 119 -14.27 0.11 17.69
C ILE A 119 -13.02 0.93 17.38
N GLU A 120 -13.05 1.69 16.29
CA GLU A 120 -11.80 2.37 15.94
C GLU A 120 -11.56 3.56 16.87
N PRO A 121 -12.54 4.43 17.14
CA PRO A 121 -12.29 5.47 18.15
C PRO A 121 -11.83 4.93 19.50
N LEU A 122 -12.40 3.82 19.94
CA LEU A 122 -11.94 3.18 21.15
C LEU A 122 -10.44 2.91 21.09
N ALA A 123 -10.02 2.14 20.09
CA ALA A 123 -8.60 1.88 19.83
C ALA A 123 -7.78 3.15 19.90
N GLU A 124 -8.21 4.18 19.17
CA GLU A 124 -7.42 5.41 19.17
C GLU A 124 -7.25 5.91 20.60
N SER A 125 -8.36 6.00 21.34
CA SER A 125 -8.29 6.49 22.70
C SER A 125 -7.35 5.62 23.52
N ILE A 126 -7.48 4.28 23.40
CA ILE A 126 -6.57 3.43 24.16
C ILE A 126 -5.12 3.72 23.76
N THR A 127 -4.84 3.74 22.45
CA THR A 127 -3.49 4.04 22.02
C THR A 127 -3.04 5.37 22.58
N ASP A 128 -3.90 6.39 22.46
CA ASP A 128 -3.49 7.72 22.90
C ASP A 128 -3.22 7.75 24.39
N VAL A 129 -3.96 6.98 25.18
CA VAL A 129 -3.73 7.02 26.62
C VAL A 129 -2.43 6.31 26.95
N LEU A 130 -2.12 5.23 26.22
CA LEU A 130 -0.94 4.46 26.58
C LEU A 130 0.32 5.22 26.19
N VAL A 131 0.38 5.70 24.95
CA VAL A 131 1.59 6.33 24.43
C VAL A 131 1.84 7.67 25.09
N ARG A 132 0.79 8.37 25.50
CA ARG A 132 0.97 9.70 26.07
C ARG A 132 1.58 9.63 27.48
N THR A 133 0.88 8.95 28.40
CA THR A 133 1.24 8.85 29.81
C THR A 133 2.42 7.92 30.08
N LYS A 134 2.82 7.08 29.11
CA LYS A 134 3.82 6.04 29.33
C LYS A 134 4.99 6.09 28.35
N ARG A 135 5.10 7.16 27.55
CA ARG A 135 6.05 7.17 26.45
C ARG A 135 7.48 6.90 26.92
N ASP A 136 7.95 7.63 27.93
CA ASP A 136 9.32 7.43 28.42
C ASP A 136 9.55 5.97 28.79
N TRP A 137 8.61 5.38 29.53
CA TRP A 137 8.74 3.99 29.89
C TRP A 137 8.81 3.13 28.64
N LEU A 138 7.89 3.35 27.69
CA LEU A 138 7.87 2.56 26.48
C LEU A 138 9.16 2.71 25.70
N VAL A 139 9.80 3.88 25.78
CA VAL A 139 11.03 4.03 24.99
C VAL A 139 12.17 3.29 25.68
N LYS A 140 12.21 3.33 27.01
CA LYS A 140 13.35 2.70 27.69
C LYS A 140 13.20 1.19 27.73
N GLN A 141 11.98 0.67 27.64
CA GLN A 141 11.73 -0.76 27.61
C GLN A 141 11.62 -1.29 26.20
N ARG A 142 12.01 -0.46 25.22
CA ARG A 142 12.13 -0.84 23.81
C ARG A 142 10.78 -1.03 23.12
N GLY A 143 9.70 -0.53 23.69
CA GLY A 143 8.45 -0.53 22.95
C GLY A 143 7.92 -1.93 22.71
N TRP A 144 7.47 -2.16 21.49
CA TRP A 144 6.81 -3.42 21.19
C TRP A 144 7.77 -4.60 21.07
N ASP A 145 9.04 -4.36 20.71
CA ASP A 145 10.02 -5.44 20.79
C ASP A 145 10.18 -5.89 22.23
N GLY A 146 10.27 -4.94 23.17
CA GLY A 146 10.28 -5.32 24.57
C GLY A 146 9.01 -6.04 24.97
N PHE A 147 7.87 -5.62 24.44
CA PHE A 147 6.62 -6.27 24.78
C PHE A 147 6.64 -7.73 24.34
N VAL A 148 7.09 -7.99 23.12
CA VAL A 148 7.14 -9.38 22.62
C VAL A 148 8.15 -10.21 23.41
N GLU A 149 9.35 -9.65 23.62
CA GLU A 149 10.36 -10.40 24.37
C GLU A 149 9.90 -10.71 25.79
N PHE A 150 9.08 -9.85 26.39
CA PHE A 150 8.70 -10.06 27.78
C PHE A 150 7.73 -11.22 27.90
N PHE A 151 6.84 -11.38 26.92
CA PHE A 151 5.84 -12.45 26.95
C PHE A 151 6.24 -13.63 26.09
N HIS A 152 7.51 -13.77 25.76
CA HIS A 152 7.93 -14.82 24.84
C HIS A 152 7.87 -16.18 25.50
N VAL A 153 7.59 -17.21 24.69
CA VAL A 153 7.59 -18.59 25.13
C VAL A 153 8.41 -19.45 24.16
N ASP B 4 -20.74 15.68 10.77
CA ASP B 4 -20.41 14.26 10.72
C ASP B 4 -21.61 13.38 11.11
N GLU B 5 -22.77 14.00 11.37
CA GLU B 5 -24.00 13.22 11.39
C GLU B 5 -24.41 12.81 9.97
N LEU B 6 -24.32 13.75 9.02
CA LEU B 6 -24.52 13.43 7.62
C LEU B 6 -23.54 12.35 7.16
N TYR B 7 -22.24 12.59 7.38
CA TYR B 7 -21.23 11.58 7.11
C TYR B 7 -21.57 10.26 7.78
N ARG B 8 -22.00 10.31 9.06
CA ARG B 8 -22.23 9.09 9.82
C ARG B 8 -23.35 8.25 9.21
N GLN B 9 -24.51 8.88 8.91
CA GLN B 9 -25.61 8.19 8.24
C GLN B 9 -25.18 7.63 6.88
N SER B 10 -24.54 8.48 6.05
CA SER B 10 -24.15 8.04 4.71
C SER B 10 -23.20 6.86 4.79
N LEU B 11 -22.25 6.88 5.73
CA LEU B 11 -21.33 5.76 5.86
C LEU B 11 -22.03 4.51 6.36
N GLU B 12 -23.07 4.66 7.19
CA GLU B 12 -23.80 3.48 7.65
C GLU B 12 -24.61 2.85 6.52
N ILE B 13 -25.33 3.66 5.73
CA ILE B 13 -26.07 3.14 4.58
C ILE B 13 -25.11 2.49 3.59
N ILE B 14 -24.12 3.27 3.11
CA ILE B 14 -23.22 2.80 2.05
C ILE B 14 -22.46 1.58 2.53
N SER B 15 -21.93 1.66 3.74
CA SER B 15 -21.23 0.53 4.32
C SER B 15 -22.10 -0.70 4.29
N ARG B 16 -23.35 -0.54 4.70
CA ARG B 16 -24.17 -1.74 4.78
C ARG B 16 -24.50 -2.28 3.38
N TYR B 17 -24.71 -1.39 2.40
CA TYR B 17 -25.01 -1.85 1.04
C TYR B 17 -23.83 -2.62 0.45
N LEU B 18 -22.63 -2.04 0.48
CA LEU B 18 -21.47 -2.73 -0.07
C LEU B 18 -21.23 -4.03 0.68
N ARG B 19 -21.47 -4.03 2.00
CA ARG B 19 -21.12 -5.20 2.79
C ARG B 19 -22.03 -6.39 2.46
N GLU B 20 -23.36 -6.18 2.47
CA GLU B 20 -24.27 -7.27 2.12
C GLU B 20 -24.22 -7.58 0.63
N GLN B 21 -23.86 -6.60 -0.22
CA GLN B 21 -23.68 -6.91 -1.63
C GLN B 21 -22.48 -7.81 -1.87
N ALA B 22 -21.45 -7.66 -1.04
CA ALA B 22 -20.19 -8.36 -1.25
C ALA B 22 -20.32 -9.85 -1.04
N THR B 23 -21.17 -10.27 -0.12
CA THR B 23 -21.24 -11.71 0.11
C THR B 23 -22.45 -11.96 0.99
N GLY B 24 -23.13 -13.06 0.71
CA GLY B 24 -24.35 -13.37 1.40
C GLY B 24 -25.51 -12.64 0.77
N ALA B 25 -26.70 -12.91 1.30
CA ALA B 25 -27.86 -12.23 0.79
C ALA B 25 -28.11 -10.97 1.61
N LYS B 26 -29.38 -10.59 1.71
CA LYS B 26 -29.79 -9.39 2.43
C LYS B 26 -29.51 -9.53 3.93
N ASP B 27 -28.85 -8.54 4.51
CA ASP B 27 -28.81 -8.39 5.96
C ASP B 27 -29.84 -7.34 6.37
N THR B 28 -30.60 -7.64 7.40
CA THR B 28 -31.82 -6.90 7.63
C THR B 28 -31.94 -6.25 9.00
N LYS B 29 -31.04 -6.60 9.97
CA LYS B 29 -30.85 -5.92 11.25
C LYS B 29 -31.10 -4.43 11.16
N PRO B 30 -31.58 -3.80 12.23
CA PRO B 30 -31.78 -2.35 12.18
C PRO B 30 -30.46 -1.61 11.93
N MET B 31 -30.60 -0.42 11.40
CA MET B 31 -29.67 0.65 11.66
C MET B 31 -29.89 0.90 13.17
N GLY B 32 -28.96 1.53 13.90
CA GLY B 32 -28.17 2.65 13.45
C GLY B 32 -29.10 3.86 13.45
N ARG B 33 -28.63 4.99 13.94
CA ARG B 33 -29.51 6.13 14.20
C ARG B 33 -30.20 6.64 12.93
N SER B 34 -31.34 7.30 13.13
CA SER B 34 -32.01 8.16 12.15
C SER B 34 -32.23 7.68 10.70
N GLY B 35 -32.75 6.48 10.45
CA GLY B 35 -33.25 5.50 11.40
C GLY B 35 -34.09 4.61 10.50
N ALA B 36 -35.37 5.00 10.35
CA ALA B 36 -36.25 4.42 9.33
C ALA B 36 -35.85 4.93 7.95
N THR B 37 -35.32 6.14 7.89
CA THR B 37 -34.78 6.69 6.65
C THR B 37 -33.57 5.89 6.18
N SER B 38 -32.68 5.51 7.11
CA SER B 38 -31.51 4.74 6.71
C SER B 38 -31.92 3.37 6.16
N ARG B 39 -32.89 2.71 6.80
CA ARG B 39 -33.39 1.45 6.29
C ARG B 39 -33.99 1.63 4.90
N LYS B 40 -34.87 2.61 4.74
CA LYS B 40 -35.53 2.75 3.44
C LYS B 40 -34.54 3.14 2.35
N ALA B 41 -33.53 3.93 2.69
CA ALA B 41 -32.50 4.30 1.71
C ALA B 41 -31.68 3.09 1.30
N LEU B 42 -31.43 2.19 2.25
CA LEU B 42 -30.69 0.98 1.92
C LEU B 42 -31.55 0.02 1.08
N GLU B 43 -32.87 -0.01 1.32
CA GLU B 43 -33.77 -0.80 0.48
C GLU B 43 -33.88 -0.24 -0.93
N THR B 44 -33.87 1.10 -1.05
CA THR B 44 -33.79 1.75 -2.36
C THR B 44 -32.55 1.30 -3.11
N LEU B 45 -31.40 1.34 -2.43
CA LEU B 45 -30.18 0.91 -3.09
C LEU B 45 -30.22 -0.56 -3.47
N ARG B 46 -30.96 -1.40 -2.74
CA ARG B 46 -31.03 -2.80 -3.18
C ARG B 46 -31.89 -2.94 -4.42
N ARG B 47 -32.98 -2.18 -4.53
CA ARG B 47 -33.82 -2.43 -5.72
C ARG B 47 -33.26 -1.76 -6.99
N VAL B 48 -32.66 -0.57 -6.89
CA VAL B 48 -32.07 0.03 -8.10
C VAL B 48 -30.61 -0.39 -8.34
N GLY B 49 -29.87 -0.71 -7.28
CA GLY B 49 -28.42 -0.86 -7.40
C GLY B 49 -27.98 -1.95 -8.36
N ASP B 50 -28.60 -3.13 -8.28
CA ASP B 50 -28.13 -4.23 -9.11
C ASP B 50 -28.41 -3.96 -10.58
N GLY B 51 -29.54 -3.30 -10.88
CA GLY B 51 -29.77 -2.81 -12.23
C GLY B 51 -28.68 -1.87 -12.70
N VAL B 52 -28.34 -0.89 -11.85
CA VAL B 52 -27.29 0.06 -12.26
C VAL B 52 -25.98 -0.68 -12.54
N GLN B 53 -25.64 -1.68 -11.70
CA GLN B 53 -24.43 -2.48 -11.89
C GLN B 53 -24.50 -3.30 -13.17
N ARG B 54 -25.68 -3.78 -13.52
CA ARG B 54 -25.77 -4.68 -14.67
C ARG B 54 -25.94 -3.95 -15.98
N ASN B 55 -26.20 -2.63 -15.94
CA ASN B 55 -26.25 -1.83 -17.15
C ASN B 55 -24.92 -1.11 -17.43
N HIS B 56 -24.06 -0.99 -16.43
CA HIS B 56 -22.69 -0.49 -16.60
C HIS B 56 -21.69 -1.61 -16.46
N GLU B 57 -22.15 -2.83 -16.76
CA GLU B 57 -21.33 -4.01 -16.57
C GLU B 57 -20.00 -3.86 -17.28
N THR B 58 -20.03 -3.50 -18.58
CA THR B 58 -18.81 -3.45 -19.38
C THR B 58 -17.86 -2.38 -18.89
N ALA B 59 -18.37 -1.17 -18.63
CA ALA B 59 -17.52 -0.10 -18.11
C ALA B 59 -16.99 -0.41 -16.72
N PHE B 60 -17.84 -1.03 -15.88
CA PHE B 60 -17.46 -1.33 -14.49
C PHE B 60 -16.38 -2.40 -14.43
N GLN B 61 -16.49 -3.41 -15.28
CA GLN B 61 -15.43 -4.42 -15.36
C GLN B 61 -14.17 -3.84 -16.00
N GLY B 62 -14.32 -3.03 -17.05
CA GLY B 62 -13.15 -2.43 -17.65
C GLY B 62 -12.33 -1.64 -16.66
N MET B 63 -12.99 -0.73 -15.93
CA MET B 63 -12.23 0.09 -15.00
C MET B 63 -11.75 -0.72 -13.81
N LEU B 64 -12.57 -1.66 -13.33
CA LEU B 64 -12.13 -2.49 -12.20
C LEU B 64 -10.87 -3.25 -12.53
N ARG B 65 -10.69 -3.66 -13.80
CA ARG B 65 -9.50 -4.42 -14.17
C ARG B 65 -8.31 -3.50 -14.37
N LYS B 66 -8.53 -2.31 -14.94
CA LYS B 66 -7.38 -1.44 -15.05
C LYS B 66 -6.99 -0.80 -13.73
N LEU B 67 -7.85 -0.88 -12.70
CA LEU B 67 -7.49 -0.31 -11.40
C LEU B 67 -6.56 -1.24 -10.62
N ASP B 68 -6.65 -2.55 -10.83
CA ASP B 68 -5.65 -3.49 -10.31
C ASP B 68 -5.44 -3.36 -8.79
N ILE B 69 -6.48 -3.73 -8.06
CA ILE B 69 -6.48 -3.65 -6.60
C ILE B 69 -5.96 -4.95 -6.02
N LYS B 70 -5.01 -4.86 -5.07
CA LYS B 70 -4.54 -6.05 -4.34
C LYS B 70 -4.99 -6.09 -2.88
N ASN B 71 -5.04 -4.93 -2.21
CA ASN B 71 -5.25 -4.86 -0.76
C ASN B 71 -5.66 -3.43 -0.40
N GLU B 72 -5.74 -3.15 0.90
CA GLU B 72 -6.25 -1.86 1.38
C GLU B 72 -5.28 -0.70 1.19
N ASP B 73 -3.97 -0.95 1.05
CA ASP B 73 -3.05 0.16 0.80
C ASP B 73 -3.33 0.85 -0.53
N ASP B 74 -3.97 0.16 -1.47
CA ASP B 74 -4.40 0.77 -2.73
C ASP B 74 -5.59 1.72 -2.59
N VAL B 75 -6.34 1.65 -1.49
CA VAL B 75 -7.57 2.43 -1.38
C VAL B 75 -7.35 3.92 -1.64
N LYS B 76 -6.28 4.50 -1.07
CA LYS B 76 -6.00 5.91 -1.30
C LYS B 76 -5.79 6.25 -2.77
N SER B 77 -5.09 5.41 -3.56
CA SER B 77 -5.00 5.81 -4.95
C SER B 77 -6.31 5.53 -5.67
N LEU B 78 -7.09 4.56 -5.17
CA LEU B 78 -8.42 4.36 -5.76
C LEU B 78 -9.25 5.60 -5.62
N SER B 79 -9.21 6.21 -4.44
CA SER B 79 -10.03 7.38 -4.20
C SER B 79 -9.70 8.47 -5.19
N ARG B 80 -8.44 8.54 -5.66
CA ARG B 80 -8.10 9.62 -6.56
C ARG B 80 -8.91 9.49 -7.85
N VAL B 81 -8.94 8.29 -8.41
CA VAL B 81 -9.70 8.13 -9.64
C VAL B 81 -11.15 8.43 -9.37
N MET B 82 -11.60 8.04 -8.17
CA MET B 82 -12.97 8.25 -7.78
C MET B 82 -13.31 9.74 -7.73
N ILE B 83 -12.45 10.53 -7.08
CA ILE B 83 -12.70 11.97 -7.08
C ILE B 83 -12.72 12.50 -8.50
N HIS B 84 -11.74 12.08 -9.30
CA HIS B 84 -11.63 12.61 -10.64
C HIS B 84 -12.88 12.32 -11.44
N VAL B 85 -13.44 11.12 -11.27
CA VAL B 85 -14.60 10.75 -12.09
C VAL B 85 -15.88 11.33 -11.51
N PHE B 86 -15.92 11.69 -10.23
CA PHE B 86 -17.23 12.04 -9.65
C PHE B 86 -17.42 13.55 -9.54
N SER B 87 -16.34 14.33 -9.44
CA SER B 87 -16.44 15.78 -9.30
C SER B 87 -16.48 16.49 -10.65
N ASP B 88 -16.83 15.77 -11.72
CA ASP B 88 -16.98 16.35 -13.05
C ASP B 88 -18.45 16.74 -13.24
N GLY B 89 -18.76 18.00 -12.97
CA GLY B 89 -20.03 18.61 -13.35
C GLY B 89 -21.13 18.70 -12.29
N VAL B 90 -22.39 18.67 -12.74
CA VAL B 90 -23.55 18.85 -11.88
C VAL B 90 -23.91 17.53 -11.21
N THR B 91 -24.51 17.67 -10.04
CA THR B 91 -24.87 16.58 -9.15
C THR B 91 -26.34 16.20 -9.25
N ASN B 92 -26.62 14.90 -9.19
CA ASN B 92 -27.99 14.43 -9.12
C ASN B 92 -27.96 13.06 -8.43
N TRP B 93 -29.14 12.52 -8.13
CA TRP B 93 -29.19 11.32 -7.32
C TRP B 93 -28.81 10.07 -8.09
N GLY B 94 -29.16 10.00 -9.38
CA GLY B 94 -28.75 8.88 -10.20
C GLY B 94 -27.24 8.65 -10.18
N ARG B 95 -26.48 9.74 -10.24
CA ARG B 95 -25.02 9.64 -10.29
C ARG B 95 -24.44 9.18 -8.96
N ILE B 96 -25.01 9.66 -7.85
CA ILE B 96 -24.65 9.13 -6.54
C ILE B 96 -24.93 7.64 -6.47
N VAL B 97 -26.05 7.22 -7.06
CA VAL B 97 -26.34 5.79 -7.07
C VAL B 97 -25.30 5.05 -7.90
N THR B 98 -24.79 5.70 -8.95
CA THR B 98 -23.74 5.08 -9.74
C THR B 98 -22.45 4.93 -8.93
N LEU B 99 -22.09 5.96 -8.17
CA LEU B 99 -20.94 5.89 -7.26
C LEU B 99 -21.08 4.71 -6.30
N ILE B 100 -22.19 4.63 -5.57
CA ILE B 100 -22.37 3.55 -4.59
C ILE B 100 -22.49 2.20 -5.28
N SER B 101 -23.00 2.16 -6.52
CA SER B 101 -23.18 0.89 -7.21
C SER B 101 -21.85 0.32 -7.67
N PHE B 102 -20.95 1.18 -8.14
CA PHE B 102 -19.61 0.70 -8.44
C PHE B 102 -18.86 0.33 -7.17
N GLY B 103 -19.12 1.07 -6.08
CA GLY B 103 -18.63 0.64 -4.78
C GLY B 103 -19.02 -0.78 -4.44
N ALA B 104 -20.29 -1.12 -4.68
CA ALA B 104 -20.74 -2.48 -4.42
C ALA B 104 -20.07 -3.49 -5.35
N PHE B 105 -19.89 -3.08 -6.62
CA PHE B 105 -19.18 -3.92 -7.59
C PHE B 105 -17.77 -4.26 -7.12
N VAL B 106 -16.97 -3.23 -6.86
CA VAL B 106 -15.61 -3.43 -6.38
C VAL B 106 -15.60 -4.18 -5.06
N ALA B 107 -16.64 -4.01 -4.23
CA ALA B 107 -16.72 -4.74 -2.97
C ALA B 107 -16.90 -6.22 -3.19
N LYS B 108 -17.73 -6.59 -4.17
CA LYS B 108 -17.84 -7.98 -4.56
C LYS B 108 -16.49 -8.52 -5.02
N HIS B 109 -15.78 -7.71 -5.81
CA HIS B 109 -14.47 -8.15 -6.28
C HIS B 109 -13.53 -8.38 -5.09
N LEU B 110 -13.60 -7.51 -4.08
CA LEU B 110 -12.69 -7.66 -2.92
C LEU B 110 -13.04 -8.88 -2.09
N LYS B 111 -14.29 -9.31 -2.07
CA LYS B 111 -14.50 -10.59 -1.43
C LYS B 111 -14.04 -11.74 -2.30
N THR B 112 -14.01 -11.57 -3.63
CA THR B 112 -13.47 -12.67 -4.44
C THR B 112 -11.96 -12.82 -4.24
N ILE B 113 -11.21 -11.72 -4.11
CA ILE B 113 -9.76 -11.83 -4.00
C ILE B 113 -9.32 -11.88 -2.54
N ASN B 114 -10.22 -12.33 -1.66
CA ASN B 114 -9.96 -12.51 -0.23
C ASN B 114 -9.37 -11.26 0.42
N GLN B 115 -10.00 -10.12 0.17
CA GLN B 115 -9.64 -8.89 0.86
C GLN B 115 -10.91 -8.22 1.36
N GLU B 116 -11.73 -9.04 2.02
CA GLU B 116 -13.01 -8.57 2.50
C GLU B 116 -12.85 -7.54 3.61
N SER B 117 -11.75 -7.62 4.37
CA SER B 117 -11.40 -6.59 5.35
C SER B 117 -11.18 -5.23 4.73
N CYS B 118 -11.13 -5.14 3.41
CA CYS B 118 -10.93 -3.87 2.73
C CYS B 118 -12.26 -3.25 2.28
N ILE B 119 -13.37 -3.97 2.45
CA ILE B 119 -14.66 -3.44 2.04
C ILE B 119 -15.10 -2.27 2.93
N GLU B 120 -14.81 -2.32 4.24
CA GLU B 120 -15.30 -1.22 5.09
C GLU B 120 -14.51 0.04 4.88
N PRO B 121 -13.18 0.05 4.89
CA PRO B 121 -12.46 1.28 4.54
C PRO B 121 -12.82 1.84 3.16
N LEU B 122 -13.03 0.98 2.16
CA LEU B 122 -13.52 1.46 0.87
C LEU B 122 -14.82 2.25 1.03
N ALA B 123 -15.83 1.61 1.63
CA ALA B 123 -17.05 2.32 2.00
C ALA B 123 -16.74 3.66 2.66
N GLU B 124 -15.83 3.67 3.64
CA GLU B 124 -15.49 4.92 4.31
C GLU B 124 -15.03 5.96 3.30
N SER B 125 -14.10 5.57 2.42
CA SER B 125 -13.63 6.50 1.39
C SER B 125 -14.79 6.97 0.53
N ILE B 126 -15.67 6.06 0.11
CA ILE B 126 -16.80 6.52 -0.70
C ILE B 126 -17.60 7.58 0.06
N THR B 127 -17.95 7.29 1.32
CA THR B 127 -18.71 8.27 2.10
C THR B 127 -17.96 9.59 2.20
N ASP B 128 -16.65 9.50 2.48
CA ASP B 128 -15.87 10.72 2.67
C ASP B 128 -15.84 11.54 1.39
N VAL B 129 -15.88 10.86 0.22
CA VAL B 129 -15.88 11.59 -1.04
C VAL B 129 -17.23 12.25 -1.29
N LEU B 130 -18.32 11.59 -0.87
CA LEU B 130 -19.65 12.12 -1.15
C LEU B 130 -19.95 13.30 -0.24
N VAL B 131 -19.63 13.17 1.04
CA VAL B 131 -20.01 14.16 2.05
C VAL B 131 -19.23 15.47 1.89
N ARG B 132 -18.01 15.44 1.38
CA ARG B 132 -17.28 16.70 1.30
C ARG B 132 -17.44 17.40 -0.05
N THR B 133 -17.49 16.66 -1.16
CA THR B 133 -17.62 17.32 -2.46
C THR B 133 -19.03 17.84 -2.70
N LYS B 134 -20.04 17.24 -2.04
CA LYS B 134 -21.43 17.49 -2.38
C LYS B 134 -22.28 17.88 -1.19
N ARG B 135 -21.67 18.17 -0.02
CA ARG B 135 -22.40 18.49 1.21
C ARG B 135 -23.56 19.46 0.98
N ASP B 136 -23.27 20.71 0.62
CA ASP B 136 -24.32 21.69 0.40
C ASP B 136 -25.48 21.13 -0.44
N TRP B 137 -25.16 20.40 -1.52
CA TRP B 137 -26.22 19.78 -2.32
C TRP B 137 -27.03 18.80 -1.50
N LEU B 138 -26.36 17.89 -0.78
CA LEU B 138 -27.13 16.91 -0.01
C LEU B 138 -27.99 17.59 1.03
N VAL B 139 -27.55 18.72 1.59
CA VAL B 139 -28.40 19.40 2.56
C VAL B 139 -29.51 20.17 1.86
N LYS B 140 -29.31 20.55 0.60
CA LYS B 140 -30.37 21.20 -0.15
C LYS B 140 -31.41 20.21 -0.63
N GLN B 141 -31.09 18.92 -0.64
CA GLN B 141 -32.02 17.84 -0.96
C GLN B 141 -32.48 17.10 0.30
N ARG B 142 -32.31 17.73 1.46
CA ARG B 142 -32.64 17.14 2.76
C ARG B 142 -32.05 15.72 2.91
N GLY B 143 -30.83 15.56 2.41
CA GLY B 143 -30.06 14.33 2.62
C GLY B 143 -30.76 13.08 2.16
N TRP B 144 -30.64 12.03 2.98
CA TRP B 144 -31.16 10.74 2.57
C TRP B 144 -32.67 10.68 2.54
N ASP B 145 -33.35 11.55 3.31
CA ASP B 145 -34.81 11.64 3.15
C ASP B 145 -35.20 12.09 1.75
N GLY B 146 -34.55 13.14 1.23
CA GLY B 146 -34.76 13.52 -0.16
C GLY B 146 -34.40 12.41 -1.12
N PHE B 147 -33.36 11.62 -0.79
CA PHE B 147 -33.00 10.50 -1.66
C PHE B 147 -34.13 9.48 -1.71
N VAL B 148 -34.68 9.13 -0.54
CA VAL B 148 -35.78 8.17 -0.45
C VAL B 148 -37.02 8.70 -1.15
N GLU B 149 -37.30 9.98 -1.00
CA GLU B 149 -38.47 10.53 -1.66
C GLU B 149 -38.29 10.51 -3.17
N PHE B 150 -37.06 10.78 -3.65
CA PHE B 150 -36.85 10.86 -5.10
C PHE B 150 -37.19 9.54 -5.76
N PHE B 151 -36.87 8.43 -5.09
CA PHE B 151 -37.13 7.11 -5.62
C PHE B 151 -38.38 6.46 -5.06
N HIS B 152 -39.23 7.21 -4.36
CA HIS B 152 -40.39 6.61 -3.71
C HIS B 152 -41.44 6.18 -4.73
N VAL B 153 -41.96 4.97 -4.54
CA VAL B 153 -42.87 4.33 -5.47
C VAL B 153 -44.01 3.66 -4.67
N GLU B 154 -45.12 4.37 -4.49
CA GLU B 154 -46.18 3.91 -3.57
C GLU B 154 -46.89 2.62 -4.01
N ASP B 155 -47.66 2.55 -5.11
CA ASP B 155 -47.91 3.56 -6.18
C ASP B 155 -49.13 3.13 -7.02
N ASP C 4 14.30 -2.02 -19.69
CA ASP C 4 15.22 -1.48 -18.70
C ASP C 4 15.88 -0.21 -19.23
N GLU C 5 16.66 -0.35 -20.31
CA GLU C 5 17.48 0.76 -20.78
C GLU C 5 16.64 1.96 -21.23
N LEU C 6 15.55 1.69 -21.94
CA LEU C 6 14.67 2.80 -22.31
C LEU C 6 14.00 3.42 -21.10
N TYR C 7 13.64 2.59 -20.11
CA TYR C 7 13.17 3.17 -18.85
C TYR C 7 14.22 4.08 -18.25
N ARG C 8 15.50 3.72 -18.38
CA ARG C 8 16.57 4.50 -17.78
C ARG C 8 16.79 5.82 -18.52
N GLN C 9 16.82 5.76 -19.84
CA GLN C 9 16.84 7.01 -20.60
C GLN C 9 15.67 7.91 -20.22
N SER C 10 14.45 7.38 -20.31
CA SER C 10 13.27 8.22 -20.11
C SER C 10 13.23 8.80 -18.71
N LEU C 11 13.61 8.02 -17.71
CA LEU C 11 13.63 8.56 -16.35
C LEU C 11 14.69 9.64 -16.21
N GLU C 12 15.83 9.48 -16.89
CA GLU C 12 16.83 10.54 -16.79
C GLU C 12 16.33 11.83 -17.43
N ILE C 13 15.72 11.75 -18.61
CA ILE C 13 15.19 12.94 -19.28
C ILE C 13 14.04 13.57 -18.47
N ILE C 14 13.00 12.78 -18.19
CA ILE C 14 11.81 13.32 -17.53
C ILE C 14 12.20 13.89 -16.17
N SER C 15 13.04 13.15 -15.45
CA SER C 15 13.58 13.61 -14.19
C SER C 15 14.24 14.97 -14.32
N ARG C 16 15.21 15.10 -15.24
CA ARG C 16 15.97 16.34 -15.28
C ARG C 16 15.11 17.50 -15.78
N TYR C 17 14.13 17.21 -16.64
CA TYR C 17 13.19 18.26 -17.03
C TYR C 17 12.38 18.74 -15.82
N LEU C 18 11.86 17.81 -15.01
CA LEU C 18 11.06 18.25 -13.86
C LEU C 18 11.91 19.06 -12.90
N ARG C 19 13.07 18.53 -12.50
CA ARG C 19 13.88 19.28 -11.53
C ARG C 19 14.30 20.64 -12.08
N GLU C 20 14.71 20.70 -13.35
CA GLU C 20 15.13 21.96 -13.94
C GLU C 20 13.97 22.95 -14.01
N GLN C 21 12.75 22.47 -14.23
CA GLN C 21 11.62 23.38 -14.23
C GLN C 21 11.31 23.85 -12.81
N ALA C 22 11.40 22.92 -11.85
CA ALA C 22 11.00 23.19 -10.47
C ALA C 22 11.94 24.20 -9.81
N THR C 23 13.18 24.27 -10.25
CA THR C 23 14.10 25.20 -9.61
C THR C 23 14.77 26.16 -10.56
N GLY C 24 14.50 26.08 -11.86
CA GLY C 24 15.08 26.96 -12.87
C GLY C 24 16.59 26.89 -13.01
N ALA C 25 17.14 25.68 -13.09
CA ALA C 25 18.56 25.49 -12.87
C ALA C 25 19.01 24.28 -13.68
N LYS C 26 19.68 24.54 -14.81
CA LYS C 26 20.16 23.45 -15.64
C LYS C 26 21.21 22.64 -14.87
N ASP C 27 21.24 21.34 -15.16
CA ASP C 27 22.02 20.37 -14.41
C ASP C 27 23.30 20.07 -15.18
N THR C 28 24.44 20.48 -14.63
CA THR C 28 25.75 20.29 -15.30
C THR C 28 26.19 18.82 -15.37
N LYS C 29 25.48 17.88 -14.75
CA LYS C 29 25.99 16.51 -14.76
C LYS C 29 25.79 15.85 -16.13
N PRO C 30 26.69 14.97 -16.51
CA PRO C 30 26.56 14.31 -17.82
C PRO C 30 25.41 13.31 -17.82
N MET C 31 24.98 12.96 -19.02
CA MET C 31 23.97 11.95 -19.25
C MET C 31 24.61 10.60 -19.60
N GLY C 32 23.77 9.56 -19.65
CA GLY C 32 24.22 8.19 -19.87
C GLY C 32 24.32 7.83 -21.34
N ARG C 33 24.09 6.55 -21.64
CA ARG C 33 24.09 6.09 -23.03
C ARG C 33 23.10 6.93 -23.83
N SER C 34 23.35 7.08 -25.13
CA SER C 34 22.49 7.89 -25.99
C SER C 34 22.44 9.33 -25.47
N GLY C 35 23.63 9.87 -25.16
CA GLY C 35 23.68 11.18 -24.53
C GLY C 35 23.12 12.30 -25.40
N ALA C 36 23.45 12.27 -26.70
CA ALA C 36 23.04 13.37 -27.57
C ALA C 36 21.55 13.37 -27.86
N THR C 37 20.92 12.18 -27.96
CA THR C 37 19.47 12.18 -28.13
C THR C 37 18.77 12.67 -26.85
N SER C 38 19.24 12.23 -25.67
CA SER C 38 18.60 12.69 -24.46
C SER C 38 18.76 14.19 -24.29
N ARG C 39 19.90 14.73 -24.72
CA ARG C 39 20.12 16.16 -24.62
C ARG C 39 19.19 16.92 -25.57
N LYS C 40 19.07 16.45 -26.82
CA LYS C 40 18.10 17.03 -27.75
C LYS C 40 16.69 16.99 -27.19
N ALA C 41 16.23 15.80 -26.76
CA ALA C 41 14.88 15.63 -26.22
C ALA C 41 14.62 16.57 -25.06
N LEU C 42 15.65 16.85 -24.27
CA LEU C 42 15.48 17.77 -23.17
C LEU C 42 15.30 19.19 -23.70
N GLU C 43 16.10 19.59 -24.69
CA GLU C 43 15.86 20.87 -25.37
C GLU C 43 14.44 20.93 -25.90
N THR C 44 13.93 19.81 -26.39
CA THR C 44 12.60 19.78 -26.99
C THR C 44 11.52 20.02 -25.93
N LEU C 45 11.64 19.33 -24.78
CA LEU C 45 10.69 19.56 -23.69
C LEU C 45 10.75 20.97 -23.16
N ARG C 46 11.90 21.64 -23.24
CA ARG C 46 11.89 23.03 -22.82
C ARG C 46 11.20 23.93 -23.84
N ARG C 47 11.35 23.63 -25.13
CA ARG C 47 10.78 24.55 -26.11
C ARG C 47 9.26 24.36 -26.22
N VAL C 48 8.77 23.12 -26.16
CA VAL C 48 7.32 22.91 -26.21
C VAL C 48 6.67 22.97 -24.83
N GLY C 49 7.43 22.64 -23.80
CA GLY C 49 6.85 22.44 -22.48
C GLY C 49 6.17 23.67 -21.90
N ASP C 50 6.78 24.85 -22.06
CA ASP C 50 6.21 26.03 -21.41
C ASP C 50 4.89 26.43 -22.06
N GLY C 51 4.84 26.39 -23.40
CA GLY C 51 3.59 26.63 -24.08
C GLY C 51 2.51 25.64 -23.68
N VAL C 52 2.84 24.35 -23.71
CA VAL C 52 1.86 23.34 -23.31
C VAL C 52 1.39 23.58 -21.88
N GLN C 53 2.31 24.01 -21.02
CA GLN C 53 1.96 24.24 -19.63
C GLN C 53 0.93 25.33 -19.50
N ARG C 54 1.25 26.55 -19.93
CA ARG C 54 0.34 27.63 -19.55
C ARG C 54 -0.72 27.95 -20.60
N ASN C 55 -0.87 27.14 -21.64
CA ASN C 55 -2.16 27.16 -22.30
C ASN C 55 -3.11 26.16 -21.67
N HIS C 56 -2.58 25.26 -20.83
CA HIS C 56 -3.37 24.40 -19.96
C HIS C 56 -3.24 24.83 -18.49
N GLU C 57 -2.92 26.11 -18.26
CA GLU C 57 -2.66 26.60 -16.91
C GLU C 57 -3.84 26.38 -15.99
N THR C 58 -5.04 26.79 -16.41
CA THR C 58 -6.20 26.67 -15.55
C THR C 58 -6.58 25.20 -15.31
N ALA C 59 -6.50 24.37 -16.36
CA ALA C 59 -6.78 22.94 -16.16
C ALA C 59 -5.77 22.31 -15.20
N PHE C 60 -4.50 22.70 -15.31
CA PHE C 60 -3.46 22.17 -14.44
C PHE C 60 -3.64 22.66 -13.00
N GLN C 61 -3.88 23.97 -12.82
CA GLN C 61 -4.12 24.50 -11.49
C GLN C 61 -5.34 23.88 -10.83
N GLY C 62 -6.37 23.56 -11.63
CA GLY C 62 -7.51 22.88 -11.08
C GLY C 62 -7.18 21.46 -10.64
N MET C 63 -6.53 20.72 -11.52
CA MET C 63 -6.25 19.31 -11.23
C MET C 63 -5.30 19.20 -10.05
N LEU C 64 -4.30 20.07 -10.00
CA LEU C 64 -3.35 20.11 -8.89
C LEU C 64 -4.06 20.50 -7.60
N ARG C 65 -4.89 21.55 -7.65
CA ARG C 65 -5.63 21.92 -6.45
C ARG C 65 -6.46 20.75 -5.94
N LYS C 66 -6.91 19.88 -6.85
CA LYS C 66 -7.71 18.72 -6.46
C LYS C 66 -6.90 17.51 -6.06
N LEU C 67 -5.62 17.42 -6.46
CA LEU C 67 -4.76 16.32 -5.98
C LEU C 67 -4.23 16.61 -4.58
N ASP C 68 -4.10 17.88 -4.23
CA ASP C 68 -3.87 18.36 -2.88
C ASP C 68 -2.70 17.61 -2.24
N ILE C 69 -1.54 17.80 -2.83
CA ILE C 69 -0.35 17.07 -2.42
C ILE C 69 0.41 17.89 -1.38
N LYS C 70 1.06 17.18 -0.46
CA LYS C 70 1.82 17.79 0.62
C LYS C 70 3.14 17.07 0.86
N ASN C 71 3.11 15.74 0.84
CA ASN C 71 4.22 14.92 1.27
C ASN C 71 4.46 13.84 0.24
N GLU C 72 5.46 13.00 0.49
CA GLU C 72 5.86 12.00 -0.49
C GLU C 72 4.86 10.86 -0.62
N ASP C 73 4.06 10.58 0.41
CA ASP C 73 3.06 9.54 0.30
C ASP C 73 1.92 9.94 -0.63
N ASP C 74 1.63 11.24 -0.68
CA ASP C 74 0.61 11.73 -1.61
C ASP C 74 1.12 11.62 -3.04
N VAL C 75 2.40 11.92 -3.26
CA VAL C 75 3.00 11.78 -4.57
C VAL C 75 3.04 10.31 -4.97
N LYS C 76 3.29 9.45 -4.00
CA LYS C 76 3.40 8.02 -4.18
C LYS C 76 2.05 7.41 -4.57
N SER C 77 0.94 8.08 -4.25
CA SER C 77 -0.39 7.61 -4.62
C SER C 77 -0.90 8.15 -5.95
N LEU C 78 -0.18 9.08 -6.58
CA LEU C 78 -0.63 9.77 -7.79
C LEU C 78 -0.92 8.83 -8.97
N SER C 79 -0.22 7.69 -9.05
CA SER C 79 -0.10 6.95 -10.31
C SER C 79 -1.42 6.53 -10.96
N ARG C 80 -2.42 6.13 -10.16
CA ARG C 80 -3.66 5.58 -10.75
C ARG C 80 -4.49 6.64 -11.49
N VAL C 81 -4.65 7.82 -10.90
CA VAL C 81 -5.39 8.87 -11.60
C VAL C 81 -4.59 9.32 -12.83
N MET C 82 -3.26 9.22 -12.75
CA MET C 82 -2.43 9.51 -13.91
C MET C 82 -2.70 8.52 -15.03
N ILE C 83 -2.73 7.22 -14.68
CA ILE C 83 -3.07 6.16 -15.63
C ILE C 83 -4.40 6.47 -16.28
N HIS C 84 -5.42 6.80 -15.45
CA HIS C 84 -6.77 7.03 -15.92
C HIS C 84 -6.85 8.17 -16.93
N VAL C 85 -6.11 9.26 -16.68
CA VAL C 85 -6.20 10.40 -17.59
C VAL C 85 -5.32 10.18 -18.81
N PHE C 86 -4.32 9.30 -18.72
CA PHE C 86 -3.35 9.18 -19.78
C PHE C 86 -3.48 7.92 -20.64
N SER C 87 -3.88 6.78 -20.09
CA SER C 87 -3.62 5.54 -20.82
C SER C 87 -4.68 5.25 -21.87
N ASP C 88 -5.95 5.29 -21.50
CA ASP C 88 -6.99 4.83 -22.42
C ASP C 88 -7.20 5.85 -23.54
N GLY C 89 -7.07 5.39 -24.78
CA GLY C 89 -7.30 6.21 -25.95
C GLY C 89 -6.16 6.21 -26.95
N VAL C 90 -5.95 7.35 -27.59
CA VAL C 90 -4.97 7.49 -28.66
C VAL C 90 -3.60 7.78 -28.05
N THR C 91 -2.56 7.24 -28.70
CA THR C 91 -1.18 7.52 -28.33
C THR C 91 -0.54 8.47 -29.35
N ASN C 92 0.05 9.56 -28.85
CA ASN C 92 0.82 10.46 -29.70
C ASN C 92 1.76 11.27 -28.81
N TRP C 93 2.65 12.03 -29.46
CA TRP C 93 3.71 12.74 -28.73
C TRP C 93 3.21 14.01 -28.04
N GLY C 94 2.25 14.73 -28.62
CA GLY C 94 1.69 15.86 -27.92
C GLY C 94 1.15 15.47 -26.56
N ARG C 95 0.52 14.29 -26.50
CA ARG C 95 -0.08 13.79 -25.26
C ARG C 95 0.99 13.38 -24.26
N ILE C 96 2.09 12.79 -24.73
CA ILE C 96 3.23 12.52 -23.86
C ILE C 96 3.82 13.82 -23.33
N VAL C 97 3.85 14.86 -24.17
CA VAL C 97 4.33 16.16 -23.71
C VAL C 97 3.38 16.74 -22.65
N THR C 98 2.08 16.46 -22.77
CA THR C 98 1.15 16.91 -21.73
C THR C 98 1.38 16.15 -20.43
N LEU C 99 1.62 14.84 -20.53
CA LEU C 99 1.96 14.04 -19.35
C LEU C 99 3.13 14.65 -18.60
N ILE C 100 4.25 14.82 -19.31
CA ILE C 100 5.44 15.31 -18.66
C ILE C 100 5.28 16.76 -18.22
N SER C 101 4.52 17.57 -18.95
CA SER C 101 4.41 18.99 -18.59
C SER C 101 3.54 19.19 -17.35
N PHE C 102 2.49 18.37 -17.18
CA PHE C 102 1.80 18.43 -15.90
C PHE C 102 2.70 17.91 -14.79
N GLY C 103 3.51 16.90 -15.08
CA GLY C 103 4.59 16.54 -14.17
C GLY C 103 5.44 17.72 -13.78
N ALA C 104 5.78 18.57 -14.74
CA ALA C 104 6.55 19.77 -14.42
C ALA C 104 5.75 20.71 -13.54
N PHE C 105 4.44 20.80 -13.81
CA PHE C 105 3.57 21.61 -12.98
C PHE C 105 3.65 21.19 -11.51
N VAL C 106 3.39 19.91 -11.26
CA VAL C 106 3.48 19.37 -9.92
C VAL C 106 4.88 19.51 -9.35
N ALA C 107 5.91 19.48 -10.20
CA ALA C 107 7.27 19.60 -9.68
C ALA C 107 7.53 20.99 -9.12
N LYS C 108 7.07 22.02 -9.82
CA LYS C 108 7.20 23.37 -9.28
C LYS C 108 6.38 23.54 -8.01
N HIS C 109 5.19 22.94 -7.98
CA HIS C 109 4.40 22.95 -6.75
C HIS C 109 5.17 22.30 -5.59
N LEU C 110 5.84 21.18 -5.85
CA LEU C 110 6.56 20.52 -4.75
C LEU C 110 7.77 21.30 -4.31
N LYS C 111 8.33 22.17 -5.17
CA LYS C 111 9.39 23.02 -4.66
C LYS C 111 8.82 24.16 -3.83
N THR C 112 7.60 24.59 -4.12
CA THR C 112 7.01 25.64 -3.32
C THR C 112 6.75 25.17 -1.89
N ILE C 113 6.32 23.93 -1.73
CA ILE C 113 5.93 23.45 -0.41
C ILE C 113 7.11 22.78 0.27
N ASN C 114 8.30 23.11 -0.20
CA ASN C 114 9.53 22.60 0.37
C ASN C 114 9.47 21.07 0.48
N GLN C 115 9.10 20.44 -0.63
CA GLN C 115 9.10 18.98 -0.76
C GLN C 115 9.80 18.56 -2.03
N GLU C 116 10.98 19.15 -2.21
CA GLU C 116 11.80 18.90 -3.38
C GLU C 116 12.31 17.46 -3.46
N SER C 117 12.44 16.81 -2.31
CA SER C 117 12.74 15.38 -2.27
C SER C 117 11.66 14.53 -2.94
N CYS C 118 10.46 15.06 -3.19
CA CYS C 118 9.45 14.24 -3.85
C CYS C 118 9.42 14.41 -5.35
N ILE C 119 10.24 15.32 -5.91
CA ILE C 119 10.28 15.43 -7.36
C ILE C 119 10.81 14.14 -7.98
N GLU C 120 11.69 13.45 -7.25
CA GLU C 120 12.31 12.25 -7.82
C GLU C 120 11.32 11.08 -7.87
N PRO C 121 10.60 10.70 -6.78
CA PRO C 121 9.52 9.70 -6.96
C PRO C 121 8.48 10.10 -7.98
N LEU C 122 8.13 11.38 -8.06
CA LEU C 122 7.20 11.84 -9.08
C LEU C 122 7.70 11.48 -10.48
N ALA C 123 8.90 11.98 -10.85
CA ALA C 123 9.52 11.57 -12.12
C ALA C 123 9.43 10.06 -12.27
N GLU C 124 9.80 9.35 -11.21
CA GLU C 124 9.81 7.90 -11.27
C GLU C 124 8.47 7.38 -11.71
N SER C 125 7.41 7.80 -11.02
CA SER C 125 6.08 7.31 -11.31
C SER C 125 5.71 7.64 -12.74
N ILE C 126 5.98 8.88 -13.19
CA ILE C 126 5.62 9.24 -14.56
C ILE C 126 6.30 8.31 -15.55
N THR C 127 7.61 8.10 -15.37
CA THR C 127 8.29 7.20 -16.30
C THR C 127 7.62 5.85 -16.31
N ASP C 128 7.31 5.32 -15.12
CA ASP C 128 6.75 3.98 -15.06
C ASP C 128 5.42 3.93 -15.78
N VAL C 129 4.66 5.02 -15.71
CA VAL C 129 3.38 5.01 -16.41
C VAL C 129 3.63 5.12 -17.91
N LEU C 130 4.67 5.87 -18.31
CA LEU C 130 4.89 6.10 -19.72
C LEU C 130 5.45 4.87 -20.41
N VAL C 131 6.48 4.26 -19.82
CA VAL C 131 7.11 3.12 -20.49
C VAL C 131 6.23 1.90 -20.40
N ARG C 132 5.67 1.62 -19.23
CA ARG C 132 4.84 0.43 -19.07
C ARG C 132 3.69 0.43 -20.07
N THR C 133 2.87 1.49 -20.05
CA THR C 133 1.59 1.44 -20.73
C THR C 133 1.73 1.57 -22.24
N LYS C 134 2.79 2.23 -22.72
CA LYS C 134 2.91 2.53 -24.15
C LYS C 134 4.26 2.09 -24.73
N ARG C 135 4.96 1.17 -24.06
CA ARG C 135 6.22 0.61 -24.55
C ARG C 135 6.25 0.36 -26.06
N ASP C 136 5.35 -0.49 -26.56
CA ASP C 136 5.42 -0.85 -27.98
C ASP C 136 5.39 0.38 -28.86
N TRP C 137 4.50 1.31 -28.58
CA TRP C 137 4.46 2.50 -29.41
C TRP C 137 5.80 3.19 -29.41
N LEU C 138 6.39 3.37 -28.22
CA LEU C 138 7.66 4.07 -28.16
C LEU C 138 8.73 3.33 -28.93
N VAL C 139 8.69 1.99 -28.94
CA VAL C 139 9.73 1.27 -29.66
C VAL C 139 9.41 1.27 -31.16
N LYS C 140 8.12 1.34 -31.53
CA LYS C 140 7.77 1.50 -32.93
C LYS C 140 8.05 2.91 -33.41
N GLN C 141 8.26 3.85 -32.50
CA GLN C 141 8.67 5.20 -32.87
C GLN C 141 10.15 5.43 -32.66
N ARG C 142 10.90 4.35 -32.41
CA ARG C 142 12.36 4.42 -32.21
C ARG C 142 12.70 5.25 -30.98
N GLY C 143 11.83 5.20 -29.97
CA GLY C 143 12.06 5.86 -28.70
C GLY C 143 12.16 7.36 -28.84
N TRP C 144 13.08 7.97 -28.07
CA TRP C 144 13.17 9.43 -28.04
C TRP C 144 13.68 9.99 -29.35
N ASP C 145 14.31 9.17 -30.17
CA ASP C 145 14.66 9.59 -31.52
C ASP C 145 13.41 10.00 -32.31
N GLY C 146 12.34 9.21 -32.20
CA GLY C 146 11.07 9.61 -32.79
C GLY C 146 10.50 10.87 -32.17
N PHE C 147 10.70 11.06 -30.86
CA PHE C 147 10.15 12.24 -30.19
C PHE C 147 10.83 13.49 -30.70
N VAL C 148 12.16 13.51 -30.67
CA VAL C 148 12.90 14.66 -31.11
C VAL C 148 12.64 14.95 -32.58
N GLU C 149 12.57 13.90 -33.40
CA GLU C 149 12.30 14.15 -34.83
C GLU C 149 10.89 14.66 -35.02
N PHE C 150 9.94 14.23 -34.17
CA PHE C 150 8.56 14.66 -34.36
C PHE C 150 8.44 16.16 -34.22
N PHE C 151 9.22 16.75 -33.31
CA PHE C 151 9.24 18.20 -33.06
C PHE C 151 10.43 18.90 -33.71
N HIS C 152 11.12 18.25 -34.65
CA HIS C 152 12.51 18.61 -34.94
C HIS C 152 12.64 20.02 -35.52
N VAL C 153 13.62 20.76 -34.99
CA VAL C 153 14.00 22.08 -35.48
C VAL C 153 15.52 22.13 -35.62
N GLU C 154 15.98 21.99 -36.86
CA GLU C 154 17.42 21.99 -37.14
C GLU C 154 18.04 23.34 -36.78
N ASP C 155 19.30 23.29 -36.35
CA ASP C 155 20.08 24.51 -36.11
C ASP C 155 21.55 24.31 -36.49
N ASP D 3 29.24 -6.97 11.47
CA ASP D 3 28.23 -7.61 10.63
C ASP D 3 28.36 -9.14 10.67
N ASP D 4 28.74 -9.71 11.81
CA ASP D 4 28.93 -11.16 11.88
C ASP D 4 27.64 -11.93 12.12
N GLU D 5 26.70 -11.35 12.88
CA GLU D 5 25.42 -12.02 13.15
C GLU D 5 24.52 -12.00 11.91
N LEU D 6 24.42 -10.85 11.25
CA LEU D 6 23.59 -10.78 10.05
C LEU D 6 24.23 -11.53 8.89
N TYR D 7 25.56 -11.47 8.76
CA TYR D 7 26.24 -12.30 7.77
C TYR D 7 26.01 -13.77 8.06
N ARG D 8 26.27 -14.19 9.30
CA ARG D 8 26.01 -15.57 9.71
C ARG D 8 24.63 -16.02 9.26
N GLN D 9 23.61 -15.24 9.65
CA GLN D 9 22.23 -15.54 9.30
C GLN D 9 22.03 -15.63 7.78
N SER D 10 22.47 -14.60 7.05
CA SER D 10 22.21 -14.54 5.61
C SER D 10 22.93 -15.67 4.87
N LEU D 11 24.14 -16.00 5.30
CA LEU D 11 24.86 -17.09 4.66
C LEU D 11 24.20 -18.44 4.99
N GLU D 12 23.65 -18.60 6.19
CA GLU D 12 22.98 -19.86 6.47
C GLU D 12 21.73 -19.98 5.62
N ILE D 13 21.01 -18.88 5.47
CA ILE D 13 19.82 -18.84 4.61
C ILE D 13 20.18 -19.14 3.16
N ILE D 14 21.06 -18.31 2.58
CA ILE D 14 21.35 -18.42 1.17
C ILE D 14 21.97 -19.77 0.87
N SER D 15 22.95 -20.17 1.67
CA SER D 15 23.58 -21.47 1.50
C SER D 15 22.55 -22.59 1.54
N ARG D 16 21.67 -22.58 2.54
CA ARG D 16 20.68 -23.64 2.64
C ARG D 16 19.77 -23.67 1.41
N TYR D 17 19.52 -22.51 0.81
CA TYR D 17 18.67 -22.47 -0.38
C TYR D 17 19.41 -23.03 -1.59
N LEU D 18 20.64 -22.57 -1.83
CA LEU D 18 21.38 -23.02 -3.00
C LEU D 18 21.67 -24.51 -2.91
N ARG D 19 21.93 -25.01 -1.71
CA ARG D 19 22.15 -26.44 -1.51
C ARG D 19 20.87 -27.22 -1.75
N GLU D 20 19.76 -26.76 -1.19
CA GLU D 20 18.51 -27.53 -1.31
C GLU D 20 18.01 -27.56 -2.76
N GLN D 21 18.14 -26.46 -3.50
CA GLN D 21 17.73 -26.44 -4.90
C GLN D 21 18.70 -27.16 -5.81
N ALA D 22 20.01 -27.10 -5.50
CA ALA D 22 20.98 -27.81 -6.32
C ALA D 22 20.88 -29.32 -6.15
N THR D 23 20.43 -29.80 -4.98
CA THR D 23 20.31 -31.23 -4.72
C THR D 23 18.87 -31.72 -4.76
N GLY D 24 18.51 -32.60 -3.84
CA GLY D 24 17.15 -33.13 -3.80
C GLY D 24 16.23 -32.34 -2.89
N ALA D 25 16.44 -32.44 -1.58
CA ALA D 25 15.53 -31.85 -0.61
C ALA D 25 16.23 -30.82 0.28
N LYS D 26 15.75 -30.70 1.52
CA LYS D 26 16.30 -29.78 2.50
C LYS D 26 16.90 -30.55 3.68
N ASP D 27 17.75 -29.86 4.44
CA ASP D 27 18.44 -30.48 5.56
C ASP D 27 17.48 -30.78 6.71
N GLY D 35 16.87 -20.07 15.93
CA GLY D 35 16.45 -19.06 14.97
C GLY D 35 15.33 -19.48 14.04
N ALA D 36 14.09 -19.22 14.47
CA ALA D 36 12.93 -19.52 13.64
C ALA D 36 12.80 -18.57 12.46
N THR D 37 13.34 -17.35 12.61
CA THR D 37 13.28 -16.38 11.52
C THR D 37 14.01 -16.91 10.28
N SER D 38 15.14 -17.57 10.47
CA SER D 38 15.85 -18.10 9.31
C SER D 38 15.05 -19.19 8.61
N ARG D 39 14.37 -20.05 9.38
CA ARG D 39 13.59 -21.13 8.77
C ARG D 39 12.43 -20.58 7.96
N LYS D 40 11.75 -19.55 8.47
CA LYS D 40 10.65 -18.99 7.68
C LYS D 40 11.16 -18.16 6.50
N ALA D 41 12.32 -17.51 6.65
CA ALA D 41 12.91 -16.80 5.52
C ALA D 41 13.27 -17.77 4.41
N LEU D 42 13.70 -18.97 4.78
CA LEU D 42 13.98 -19.97 3.75
C LEU D 42 12.71 -20.45 3.10
N GLU D 43 11.67 -20.70 3.88
CA GLU D 43 10.40 -21.11 3.27
C GLU D 43 9.91 -20.05 2.28
N THR D 44 10.08 -18.77 2.65
CA THR D 44 9.77 -17.69 1.71
C THR D 44 10.63 -17.79 0.45
N LEU D 45 11.92 -18.06 0.61
CA LEU D 45 12.78 -18.18 -0.56
C LEU D 45 12.36 -19.33 -1.47
N ARG D 46 11.75 -20.38 -0.91
CA ARG D 46 11.22 -21.41 -1.81
C ARG D 46 9.95 -20.97 -2.48
N ARG D 47 9.09 -20.19 -1.82
CA ARG D 47 7.84 -19.86 -2.51
C ARG D 47 8.04 -18.78 -3.57
N VAL D 48 8.89 -17.78 -3.31
CA VAL D 48 9.16 -16.76 -4.32
C VAL D 48 10.26 -17.19 -5.28
N GLY D 49 11.16 -18.06 -4.81
CA GLY D 49 12.38 -18.35 -5.55
C GLY D 49 12.15 -18.95 -6.93
N ASP D 50 11.29 -19.95 -7.04
CA ASP D 50 11.17 -20.63 -8.33
C ASP D 50 10.46 -19.77 -9.37
N GLY D 51 9.39 -19.08 -8.96
CA GLY D 51 8.72 -18.15 -9.87
C GLY D 51 9.65 -17.05 -10.34
N VAL D 52 10.33 -16.40 -9.39
CA VAL D 52 11.30 -15.36 -9.74
C VAL D 52 12.38 -15.93 -10.64
N GLN D 53 12.75 -17.19 -10.38
CA GLN D 53 13.78 -17.85 -11.16
C GLN D 53 13.35 -17.92 -12.61
N ARG D 54 12.56 -18.92 -12.95
CA ARG D 54 12.39 -19.16 -14.38
C ARG D 54 11.10 -18.55 -14.92
N ASN D 55 10.67 -17.45 -14.30
CA ASN D 55 10.11 -16.36 -15.09
C ASN D 55 11.22 -15.55 -15.76
N HIS D 56 12.46 -15.69 -15.31
CA HIS D 56 13.63 -15.11 -15.97
C HIS D 56 14.51 -16.18 -16.60
N GLU D 57 13.93 -17.32 -16.97
CA GLU D 57 14.72 -18.43 -17.48
C GLU D 57 15.62 -18.00 -18.64
N THR D 58 15.05 -17.31 -19.65
CA THR D 58 15.85 -16.97 -20.83
C THR D 58 17.02 -16.07 -20.47
N ALA D 59 16.78 -15.06 -19.64
CA ALA D 59 17.87 -14.20 -19.20
C ALA D 59 18.90 -15.00 -18.40
N PHE D 60 18.45 -15.95 -17.59
CA PHE D 60 19.37 -16.72 -16.75
C PHE D 60 20.22 -17.67 -17.58
N GLN D 61 19.65 -18.27 -18.63
CA GLN D 61 20.44 -19.18 -19.46
C GLN D 61 21.43 -18.40 -20.29
N GLY D 62 21.04 -17.21 -20.73
CA GLY D 62 22.00 -16.36 -21.43
C GLY D 62 23.15 -15.93 -20.55
N MET D 63 22.82 -15.43 -19.35
CA MET D 63 23.86 -14.93 -18.48
C MET D 63 24.76 -16.06 -18.02
N LEU D 64 24.15 -17.19 -17.68
CA LEU D 64 24.92 -18.35 -17.25
C LEU D 64 25.84 -18.81 -18.37
N ARG D 65 25.31 -18.90 -19.59
CA ARG D 65 26.10 -19.39 -20.70
C ARG D 65 27.27 -18.48 -20.96
N LYS D 66 27.03 -17.16 -20.96
CA LYS D 66 28.11 -16.21 -21.12
C LYS D 66 29.16 -16.36 -20.02
N LEU D 67 28.72 -16.69 -18.79
CA LEU D 67 29.66 -16.81 -17.67
C LEU D 67 30.55 -18.05 -17.77
N ASP D 68 30.06 -19.12 -18.38
CA ASP D 68 30.86 -20.28 -18.76
C ASP D 68 31.71 -20.79 -17.59
N ILE D 69 31.02 -21.30 -16.60
CA ILE D 69 31.67 -21.79 -15.39
C ILE D 69 32.00 -23.28 -15.51
N LYS D 70 33.21 -23.66 -15.07
CA LYS D 70 33.65 -25.05 -15.10
C LYS D 70 34.38 -25.50 -13.83
N ASN D 71 34.82 -24.58 -12.98
CA ASN D 71 35.76 -24.82 -11.90
C ASN D 71 35.41 -23.89 -10.73
N GLU D 72 36.19 -23.96 -9.64
CA GLU D 72 35.97 -23.02 -8.55
C GLU D 72 36.65 -21.67 -8.80
N ASP D 73 37.68 -21.64 -9.66
CA ASP D 73 38.33 -20.39 -10.06
C ASP D 73 37.35 -19.50 -10.83
N ASP D 74 36.43 -20.11 -11.57
CA ASP D 74 35.36 -19.34 -12.19
C ASP D 74 34.39 -18.83 -11.14
N VAL D 75 34.07 -19.67 -10.16
CA VAL D 75 33.09 -19.24 -9.18
C VAL D 75 33.64 -18.04 -8.42
N LYS D 76 34.96 -18.00 -8.21
CA LYS D 76 35.61 -16.93 -7.47
C LYS D 76 35.93 -15.70 -8.30
N SER D 77 35.84 -15.79 -9.61
CA SER D 77 35.89 -14.55 -10.39
C SER D 77 34.51 -13.91 -10.57
N LEU D 78 33.44 -14.60 -10.20
CA LEU D 78 32.08 -14.12 -10.36
C LEU D 78 31.78 -12.82 -9.62
N SER D 79 32.44 -12.58 -8.48
CA SER D 79 32.01 -11.56 -7.53
C SER D 79 31.84 -10.15 -8.11
N ARG D 80 32.74 -9.71 -8.99
CA ARG D 80 32.67 -8.33 -9.48
C ARG D 80 31.53 -8.10 -10.48
N VAL D 81 31.31 -9.03 -11.40
CA VAL D 81 30.20 -8.85 -12.34
C VAL D 81 28.89 -8.91 -11.57
N MET D 82 28.85 -9.72 -10.49
CA MET D 82 27.69 -9.77 -9.61
C MET D 82 27.44 -8.41 -8.97
N ILE D 83 28.49 -7.78 -8.45
CA ILE D 83 28.37 -6.41 -7.94
C ILE D 83 27.87 -5.46 -9.03
N HIS D 84 28.44 -5.54 -10.24
CA HIS D 84 28.07 -4.63 -11.33
C HIS D 84 26.60 -4.73 -11.67
N VAL D 85 26.05 -5.95 -11.64
CA VAL D 85 24.65 -6.13 -11.99
C VAL D 85 23.74 -5.85 -10.79
N PHE D 86 24.24 -5.93 -9.55
CA PHE D 86 23.36 -5.85 -8.39
C PHE D 86 23.42 -4.56 -7.59
N SER D 87 24.55 -3.88 -7.51
CA SER D 87 24.66 -2.87 -6.46
C SER D 87 24.10 -1.51 -6.86
N ASP D 88 24.20 -1.14 -8.15
CA ASP D 88 23.78 0.20 -8.56
C ASP D 88 22.26 0.27 -8.69
N GLY D 89 21.71 1.43 -8.36
CA GLY D 89 20.29 1.58 -8.54
C GLY D 89 19.44 1.32 -7.32
N VAL D 90 18.29 0.71 -7.55
CA VAL D 90 17.27 0.52 -6.52
C VAL D 90 17.65 -0.66 -5.62
N THR D 91 17.42 -0.49 -4.32
CA THR D 91 17.53 -1.57 -3.34
C THR D 91 16.10 -2.00 -2.98
N ASN D 92 15.81 -3.30 -3.07
CA ASN D 92 14.49 -3.77 -2.65
C ASN D 92 14.60 -5.27 -2.40
N TRP D 93 13.52 -5.85 -1.85
CA TRP D 93 13.57 -7.26 -1.51
C TRP D 93 13.40 -8.18 -2.71
N GLY D 94 12.54 -7.81 -3.66
CA GLY D 94 12.42 -8.59 -4.88
C GLY D 94 13.76 -8.69 -5.59
N ARG D 95 14.52 -7.61 -5.59
CA ARG D 95 15.79 -7.62 -6.32
C ARG D 95 16.81 -8.52 -5.62
N ILE D 96 16.80 -8.53 -4.29
CA ILE D 96 17.61 -9.46 -3.50
C ILE D 96 17.17 -10.90 -3.79
N VAL D 97 15.86 -11.13 -3.99
CA VAL D 97 15.44 -12.47 -4.35
C VAL D 97 15.94 -12.85 -5.73
N THR D 98 16.03 -11.88 -6.65
CA THR D 98 16.58 -12.18 -7.97
C THR D 98 18.07 -12.51 -7.87
N LEU D 99 18.79 -11.80 -7.00
CA LEU D 99 20.18 -12.16 -6.71
C LEU D 99 20.28 -13.60 -6.23
N ILE D 100 19.51 -13.95 -5.20
CA ILE D 100 19.67 -15.28 -4.63
C ILE D 100 19.16 -16.34 -5.61
N SER D 101 18.15 -16.02 -6.42
CA SER D 101 17.59 -17.02 -7.33
C SER D 101 18.53 -17.27 -8.51
N PHE D 102 19.20 -16.24 -9.01
CA PHE D 102 20.20 -16.56 -10.01
C PHE D 102 21.32 -17.38 -9.40
N GLY D 103 21.66 -17.10 -8.13
CA GLY D 103 22.54 -18.00 -7.41
C GLY D 103 22.08 -19.45 -7.42
N ALA D 104 20.78 -19.68 -7.22
CA ALA D 104 20.28 -21.06 -7.25
C ALA D 104 20.41 -21.66 -8.64
N PHE D 105 20.13 -20.87 -9.68
CA PHE D 105 20.34 -21.32 -11.06
C PHE D 105 21.78 -21.77 -11.26
N VAL D 106 22.73 -20.91 -10.92
CA VAL D 106 24.15 -21.24 -11.06
C VAL D 106 24.51 -22.47 -10.25
N ALA D 107 23.87 -22.67 -9.09
CA ALA D 107 24.17 -23.84 -8.26
C ALA D 107 23.67 -25.14 -8.89
N LYS D 108 22.46 -25.12 -9.48
CA LYS D 108 22.02 -26.27 -10.27
C LYS D 108 23.02 -26.57 -11.38
N HIS D 109 23.50 -25.51 -12.05
CA HIS D 109 24.54 -25.69 -13.06
C HIS D 109 25.78 -26.35 -12.47
N LEU D 110 26.18 -25.95 -11.26
CA LEU D 110 27.39 -26.53 -10.67
C LEU D 110 27.18 -27.98 -10.28
N LYS D 111 25.95 -28.37 -9.95
CA LYS D 111 25.75 -29.77 -9.66
C LYS D 111 25.73 -30.61 -10.94
N THR D 112 25.37 -29.98 -12.07
CA THR D 112 25.42 -30.71 -13.35
C THR D 112 26.85 -30.97 -13.82
N ILE D 113 27.76 -30.02 -13.60
CA ILE D 113 29.13 -30.17 -14.08
C ILE D 113 29.97 -30.85 -13.00
N ASN D 114 29.31 -31.57 -12.09
CA ASN D 114 29.94 -32.29 -11.00
C ASN D 114 30.89 -31.36 -10.23
N GLN D 115 30.36 -30.19 -9.85
CA GLN D 115 31.11 -29.28 -8.99
C GLN D 115 30.25 -28.75 -7.88
N GLU D 116 29.50 -29.62 -7.20
CA GLU D 116 28.68 -29.17 -6.07
C GLU D 116 29.57 -28.70 -4.93
N SER D 117 30.83 -29.16 -4.90
CA SER D 117 31.84 -28.66 -4.00
C SER D 117 32.06 -27.16 -4.13
N CYS D 118 31.54 -26.53 -5.18
CA CYS D 118 31.66 -25.08 -5.35
C CYS D 118 30.40 -24.34 -4.96
N ILE D 119 29.34 -25.04 -4.58
CA ILE D 119 28.09 -24.36 -4.23
C ILE D 119 28.24 -23.51 -2.99
N GLU D 120 28.98 -24.00 -2.01
CA GLU D 120 29.04 -23.27 -0.75
C GLU D 120 29.92 -22.04 -0.89
N PRO D 121 31.09 -22.12 -1.53
CA PRO D 121 31.85 -20.89 -1.81
C PRO D 121 31.05 -19.87 -2.61
N LEU D 122 30.31 -20.32 -3.61
CA LEU D 122 29.38 -19.45 -4.31
C LEU D 122 28.39 -18.81 -3.33
N ALA D 123 27.70 -19.63 -2.52
CA ALA D 123 26.86 -19.08 -1.47
C ALA D 123 27.58 -17.96 -0.71
N GLU D 124 28.80 -18.24 -0.24
CA GLU D 124 29.56 -17.24 0.51
C GLU D 124 29.68 -15.95 -0.28
N SER D 125 30.12 -16.07 -1.54
CA SER D 125 30.32 -14.87 -2.35
C SER D 125 29.03 -14.06 -2.43
N ILE D 126 27.90 -14.74 -2.65
CA ILE D 126 26.62 -14.02 -2.73
C ILE D 126 26.39 -13.26 -1.43
N THR D 127 26.54 -13.95 -0.29
CA THR D 127 26.35 -13.29 0.99
C THR D 127 27.24 -12.07 1.09
N ASP D 128 28.50 -12.22 0.68
CA ASP D 128 29.46 -11.14 0.88
C ASP D 128 29.03 -9.90 0.10
N VAL D 129 28.43 -10.10 -1.08
CA VAL D 129 28.02 -8.92 -1.84
C VAL D 129 26.77 -8.30 -1.20
N LEU D 130 25.87 -9.10 -0.64
CA LEU D 130 24.63 -8.53 -0.14
C LEU D 130 24.86 -7.72 1.13
N VAL D 131 25.48 -8.34 2.13
CA VAL D 131 25.60 -7.75 3.45
C VAL D 131 26.59 -6.59 3.45
N ARG D 132 27.58 -6.60 2.56
CA ARG D 132 28.44 -5.42 2.48
C ARG D 132 27.86 -4.36 1.54
N THR D 133 27.04 -4.75 0.55
CA THR D 133 26.60 -3.71 -0.37
C THR D 133 25.50 -2.87 0.23
N LYS D 134 24.70 -3.49 1.07
CA LYS D 134 23.46 -2.89 1.47
C LYS D 134 23.30 -2.88 2.97
N ARG D 135 24.37 -3.14 3.75
CA ARG D 135 24.29 -3.32 5.20
C ARG D 135 23.18 -2.46 5.79
N ASP D 136 23.33 -1.15 5.62
CA ASP D 136 22.44 -0.20 6.29
C ASP D 136 20.98 -0.43 5.91
N TRP D 137 20.69 -0.63 4.63
CA TRP D 137 19.32 -0.90 4.21
C TRP D 137 18.76 -2.12 4.95
N LEU D 138 19.53 -3.20 4.99
CA LEU D 138 19.02 -4.39 5.65
C LEU D 138 18.76 -4.13 7.12
N VAL D 139 19.54 -3.24 7.75
CA VAL D 139 19.24 -2.99 9.16
C VAL D 139 18.07 -2.03 9.30
N LYS D 140 17.77 -1.19 8.29
CA LYS D 140 16.56 -0.38 8.38
C LYS D 140 15.32 -1.21 8.11
N GLN D 141 15.46 -2.30 7.37
CA GLN D 141 14.37 -3.23 7.12
C GLN D 141 14.36 -4.38 8.13
N ARG D 142 15.03 -4.22 9.28
CA ARG D 142 15.09 -5.22 10.34
C ARG D 142 15.67 -6.55 9.87
N GLY D 143 16.31 -6.58 8.69
CA GLY D 143 16.93 -7.80 8.18
C GLY D 143 15.95 -8.84 7.70
N TRP D 144 16.21 -10.09 8.07
CA TRP D 144 15.38 -11.19 7.56
C TRP D 144 14.00 -11.22 8.18
N ASP D 145 13.81 -10.61 9.36
CA ASP D 145 12.45 -10.39 9.84
C ASP D 145 11.67 -9.52 8.88
N GLY D 146 12.31 -8.46 8.38
CA GLY D 146 11.71 -7.66 7.33
C GLY D 146 11.49 -8.44 6.04
N PHE D 147 12.39 -9.39 5.73
CA PHE D 147 12.20 -10.17 4.51
C PHE D 147 10.97 -11.06 4.64
N VAL D 148 10.84 -11.80 5.74
CA VAL D 148 9.68 -12.66 5.96
C VAL D 148 8.40 -11.84 6.02
N GLU D 149 8.45 -10.66 6.66
CA GLU D 149 7.28 -9.80 6.74
C GLU D 149 6.85 -9.28 5.37
N PHE D 150 7.82 -9.01 4.47
CA PHE D 150 7.47 -8.33 3.23
C PHE D 150 6.72 -9.25 2.27
N PHE D 151 7.08 -10.53 2.24
CA PHE D 151 6.43 -11.49 1.35
C PHE D 151 5.33 -12.28 2.05
N HIS D 152 4.82 -11.74 3.15
CA HIS D 152 3.88 -12.48 3.99
C HIS D 152 2.62 -12.87 3.23
N VAL D 153 2.12 -14.06 3.51
CA VAL D 153 0.94 -14.58 2.85
C VAL D 153 0.05 -15.24 3.90
N GLU D 154 -1.21 -14.80 3.95
CA GLU D 154 -2.19 -15.41 4.85
C GLU D 154 -2.24 -16.92 4.64
N ASP D 155 -2.21 -17.66 5.75
CA ASP D 155 -2.23 -19.12 5.70
C ASP D 155 -3.21 -19.69 6.74
#